data_1MN7
#
_entry.id   1MN7
#
_cell.length_a   71.238
_cell.length_b   71.238
_cell.length_c   106.677
_cell.angle_alpha   90.00
_cell.angle_beta   90.00
_cell.angle_gamma   120.00
#
_symmetry.space_group_name_H-M   'P 63'
#
loop_
_entity.id
_entity.type
_entity.pdbx_description
1 polymer 'NDP kinase'
2 non-polymer 'MAGNESIUM ION'
3 non-polymer "3'-AZIDO-3'-DEOXY-THYMIDINE-5'-ALPHA BORANO TRIPHOSPHATE"
4 water water
#
_entity_poly.entity_id   1
_entity_poly.type   'polypeptide(L)'
_entity_poly.pdbx_seq_one_letter_code
;MSTNKVNKERTFLAVKPDGVARGLVGEIIARYEKKGFVLVGLKQLVPTKDLAESHYAEHKERPWFGGLVSFITSGPVVAM
VFEGKGVVASARLMIGVTNPLASAPGSIRGDFGVDVGRSIIGGSDSVESANREIALWFKPEELLTEVKPNPNLYE
;
_entity_poly.pdbx_strand_id   A,B
#
# COMPACT_ATOMS: atom_id res chain seq x y z
N VAL A 6 16.13 20.12 -5.15
CA VAL A 6 16.25 18.65 -5.39
C VAL A 6 14.93 17.94 -5.20
N ASN A 7 14.37 17.45 -6.30
CA ASN A 7 13.11 16.74 -6.30
C ASN A 7 13.29 15.30 -5.81
N LYS A 8 14.46 15.02 -5.22
CA LYS A 8 14.77 13.68 -4.72
C LYS A 8 14.62 13.55 -3.19
N GLU A 9 14.05 14.58 -2.57
CA GLU A 9 13.84 14.56 -1.12
C GLU A 9 12.91 13.39 -0.80
N ARG A 10 13.02 12.87 0.42
CA ARG A 10 12.19 11.75 0.85
C ARG A 10 11.72 11.95 2.28
N THR A 11 10.63 11.27 2.63
CA THR A 11 10.08 11.36 3.97
C THR A 11 9.44 10.04 4.33
N PHE A 12 9.32 9.77 5.62
CA PHE A 12 8.71 8.53 6.08
C PHE A 12 7.31 8.79 6.63
N LEU A 13 6.34 8.11 6.04
CA LEU A 13 4.93 8.18 6.44
C LEU A 13 4.47 6.82 6.92
N ALA A 14 3.69 6.80 7.99
CA ALA A 14 3.18 5.55 8.52
C ALA A 14 1.74 5.73 8.98
N VAL A 15 0.83 4.91 8.49
CA VAL A 15 -0.54 5.03 8.94
C VAL A 15 -0.64 4.10 10.15
N LYS A 16 -0.81 4.72 11.31
CA LYS A 16 -0.90 4.03 12.59
C LYS A 16 -1.93 2.90 12.56
N PRO A 17 -1.92 2.02 13.58
CA PRO A 17 -2.83 0.89 13.71
C PRO A 17 -4.30 1.28 13.55
N ASP A 18 -4.67 2.46 14.04
CA ASP A 18 -6.04 2.90 13.88
C ASP A 18 -6.33 3.15 12.40
N GLY A 19 -5.42 3.85 11.74
CA GLY A 19 -5.61 4.14 10.31
C GLY A 19 -5.96 2.89 9.55
N VAL A 20 -5.21 1.83 9.80
CA VAL A 20 -5.45 0.55 9.13
C VAL A 20 -6.78 -0.08 9.54
N ALA A 21 -7.08 -0.05 10.84
CA ALA A 21 -8.31 -0.64 11.33
C ALA A 21 -9.53 0.06 10.74
N ARG A 22 -9.40 1.35 10.50
CA ARG A 22 -10.48 2.12 9.93
C ARG A 22 -10.50 2.03 8.41
N GLY A 23 -9.60 1.21 7.86
CA GLY A 23 -9.52 1.04 6.42
C GLY A 23 -9.32 2.35 5.70
N LEU A 24 -8.31 3.10 6.13
CA LEU A 24 -7.99 4.39 5.53
C LEU A 24 -6.67 4.35 4.75
N VAL A 25 -6.06 3.19 4.64
CA VAL A 25 -4.79 3.07 3.93
C VAL A 25 -4.84 3.60 2.51
N GLY A 26 -5.75 3.06 1.69
CA GLY A 26 -5.88 3.50 0.31
C GLY A 26 -6.21 4.98 0.19
N GLU A 27 -7.08 5.46 1.08
CA GLU A 27 -7.48 6.88 1.08
C GLU A 27 -6.24 7.76 1.24
N ILE A 28 -5.37 7.37 2.15
CA ILE A 28 -4.15 8.10 2.45
C ILE A 28 -3.17 8.05 1.27
N ILE A 29 -2.77 6.84 0.90
CA ILE A 29 -1.85 6.65 -0.20
C ILE A 29 -2.21 7.43 -1.47
N ALA A 30 -3.50 7.47 -1.80
CA ALA A 30 -3.99 8.16 -2.99
C ALA A 30 -3.85 9.69 -2.91
N ARG A 31 -3.93 10.23 -1.69
CA ARG A 31 -3.80 11.67 -1.49
C ARG A 31 -2.40 12.11 -1.87
N TYR A 32 -1.42 11.35 -1.42
CA TYR A 32 -0.03 11.63 -1.73
C TYR A 32 0.25 11.36 -3.22
N GLU A 33 -0.45 10.38 -3.80
CA GLU A 33 -0.27 10.08 -5.22
C GLU A 33 -0.78 11.25 -6.06
N LYS A 34 -1.94 11.79 -5.68
CA LYS A 34 -2.53 12.92 -6.41
C LYS A 34 -1.59 14.13 -6.42
N LYS A 35 -0.94 14.37 -5.28
CA LYS A 35 0.00 15.46 -5.13
C LYS A 35 1.15 15.39 -6.13
N GLY A 36 1.49 14.17 -6.54
CA GLY A 36 2.57 13.98 -7.48
C GLY A 36 3.79 13.38 -6.80
N PHE A 37 3.64 12.95 -5.56
CA PHE A 37 4.74 12.34 -4.82
C PHE A 37 4.83 10.86 -5.18
N VAL A 38 6.05 10.36 -5.31
CA VAL A 38 6.26 8.98 -5.70
C VAL A 38 6.61 8.01 -4.58
N LEU A 39 5.82 6.95 -4.48
CA LEU A 39 6.04 5.90 -3.49
C LEU A 39 7.32 5.17 -3.87
N VAL A 40 8.32 5.21 -3.00
CA VAL A 40 9.56 4.51 -3.30
C VAL A 40 9.75 3.32 -2.35
N GLY A 41 8.82 3.17 -1.43
CA GLY A 41 8.88 2.07 -0.47
C GLY A 41 7.54 1.86 0.21
N LEU A 42 7.14 0.61 0.36
CA LEU A 42 5.86 0.27 0.98
C LEU A 42 5.86 -1.15 1.53
N LYS A 43 5.13 -1.37 2.61
CA LYS A 43 4.99 -2.69 3.22
C LYS A 43 4.14 -2.63 4.49
N GLN A 44 3.50 -3.74 4.81
CA GLN A 44 2.70 -3.80 6.02
C GLN A 44 3.44 -4.67 7.00
N LEU A 45 3.41 -4.29 8.27
CA LEU A 45 4.08 -5.06 9.32
C LEU A 45 3.52 -4.73 10.69
N VAL A 46 3.89 -5.54 11.68
CA VAL A 46 3.47 -5.34 13.05
C VAL A 46 4.72 -4.90 13.78
N PRO A 47 4.85 -3.59 14.02
CA PRO A 47 5.99 -2.99 14.69
C PRO A 47 6.49 -3.76 15.90
N THR A 48 7.79 -3.68 16.15
CA THR A 48 8.42 -4.33 17.30
C THR A 48 8.59 -3.25 18.34
N LYS A 49 8.86 -3.65 19.59
CA LYS A 49 9.06 -2.69 20.65
C LYS A 49 10.31 -1.87 20.34
N ASP A 50 11.38 -2.57 19.96
CA ASP A 50 12.64 -1.92 19.62
C ASP A 50 12.44 -0.91 18.49
N LEU A 51 11.57 -1.27 17.53
CA LEU A 51 11.29 -0.38 16.41
C LEU A 51 10.54 0.86 16.89
N ALA A 52 9.38 0.66 17.51
CA ALA A 52 8.57 1.78 17.99
C ALA A 52 9.28 2.67 19.01
N GLU A 53 10.11 2.06 19.86
CA GLU A 53 10.85 2.80 20.87
C GLU A 53 11.94 3.61 20.19
N SER A 54 12.44 3.09 19.08
CA SER A 54 13.47 3.76 18.31
C SER A 54 12.84 4.84 17.44
N HIS A 55 11.62 4.60 16.96
CA HIS A 55 10.95 5.59 16.11
C HIS A 55 10.67 6.85 16.91
N TYR A 56 10.01 6.68 18.06
CA TYR A 56 9.64 7.80 18.93
C TYR A 56 10.58 8.02 20.12
N ALA A 57 11.84 7.62 19.99
CA ALA A 57 12.82 7.78 21.07
C ALA A 57 12.90 9.24 21.52
N GLU A 58 12.52 10.16 20.63
CA GLU A 58 12.54 11.59 20.91
C GLU A 58 11.72 11.95 22.15
N HIS A 59 10.67 11.17 22.39
CA HIS A 59 9.75 11.40 23.51
C HIS A 59 9.90 10.35 24.60
N LYS A 60 11.10 9.79 24.73
CA LYS A 60 11.35 8.77 25.75
C LYS A 60 10.93 9.29 27.12
N GLU A 61 11.03 10.61 27.29
CA GLU A 61 10.69 11.28 28.54
C GLU A 61 9.24 11.78 28.58
N ARG A 62 8.31 10.94 28.14
CA ARG A 62 6.90 11.34 28.11
C ARG A 62 6.00 10.40 28.91
N PRO A 63 5.14 10.96 29.77
CA PRO A 63 4.23 10.16 30.59
C PRO A 63 3.31 9.29 29.75
N TRP A 64 3.30 9.54 28.45
CA TRP A 64 2.47 8.78 27.53
C TRP A 64 3.32 8.02 26.52
N PHE A 65 4.61 7.91 26.80
CA PHE A 65 5.53 7.21 25.93
C PHE A 65 5.23 5.71 25.88
N GLY A 66 5.19 5.08 27.05
CA GLY A 66 4.90 3.66 27.10
C GLY A 66 3.55 3.35 26.51
N GLY A 67 2.65 4.33 26.56
CA GLY A 67 1.32 4.16 26.03
C GLY A 67 1.33 4.14 24.51
N LEU A 68 2.07 5.09 23.94
CA LEU A 68 2.22 5.21 22.50
C LEU A 68 2.87 3.95 21.93
N VAL A 69 3.97 3.54 22.55
CA VAL A 69 4.69 2.35 22.11
C VAL A 69 3.77 1.15 22.04
N SER A 70 3.05 0.89 23.14
CA SER A 70 2.14 -0.24 23.21
C SER A 70 1.08 -0.17 22.11
N PHE A 71 0.63 1.04 21.78
CA PHE A 71 -0.38 1.19 20.75
C PHE A 71 0.21 0.91 19.37
N ILE A 72 1.34 1.55 19.08
CA ILE A 72 2.01 1.38 17.79
C ILE A 72 2.30 -0.08 17.49
N THR A 73 2.60 -0.85 18.54
CA THR A 73 2.89 -2.26 18.37
C THR A 73 1.67 -3.15 18.60
N SER A 74 0.49 -2.54 18.72
CA SER A 74 -0.75 -3.29 18.98
C SER A 74 -1.32 -3.97 17.74
N GLY A 75 -1.09 -3.38 16.57
CA GLY A 75 -1.63 -3.98 15.35
C GLY A 75 -0.80 -3.65 14.13
N PRO A 76 -1.16 -4.16 12.94
CA PRO A 76 -0.42 -3.90 11.71
C PRO A 76 -0.32 -2.42 11.38
N VAL A 77 0.76 -2.08 10.68
CA VAL A 77 1.03 -0.72 10.27
C VAL A 77 1.56 -0.75 8.84
N VAL A 78 1.14 0.21 8.02
CA VAL A 78 1.64 0.26 6.66
C VAL A 78 2.65 1.41 6.58
N ALA A 79 3.92 1.06 6.38
CA ALA A 79 5.00 2.03 6.31
C ALA A 79 5.26 2.44 4.87
N MET A 80 5.38 3.75 4.64
CA MET A 80 5.60 4.26 3.30
C MET A 80 6.74 5.28 3.20
N VAL A 81 7.33 5.35 2.02
CA VAL A 81 8.37 6.32 1.76
C VAL A 81 8.00 7.02 0.46
N PHE A 82 7.88 8.34 0.53
CA PHE A 82 7.52 9.15 -0.62
C PHE A 82 8.66 10.11 -0.94
N GLU A 83 8.88 10.31 -2.23
CA GLU A 83 9.93 11.20 -2.69
C GLU A 83 9.35 12.31 -3.56
N GLY A 84 9.92 13.51 -3.44
CA GLY A 84 9.46 14.64 -4.23
C GLY A 84 9.95 15.95 -3.65
N LYS A 85 9.80 17.03 -4.40
CA LYS A 85 10.22 18.36 -3.94
C LYS A 85 9.55 18.68 -2.60
N GLY A 86 10.36 19.04 -1.62
CA GLY A 86 9.85 19.38 -0.30
C GLY A 86 8.76 18.49 0.25
N VAL A 87 8.86 17.20 -0.02
CA VAL A 87 7.86 16.23 0.44
C VAL A 87 7.74 16.15 1.95
N VAL A 88 8.83 16.40 2.67
CA VAL A 88 8.79 16.32 4.12
C VAL A 88 7.78 17.28 4.75
N ALA A 89 7.97 18.58 4.53
CA ALA A 89 7.08 19.59 5.09
C ALA A 89 5.68 19.55 4.44
N SER A 90 5.64 19.19 3.16
CA SER A 90 4.37 19.11 2.46
C SER A 90 3.52 17.98 3.04
N ALA A 91 4.16 16.83 3.25
CA ALA A 91 3.48 15.67 3.81
C ALA A 91 2.89 16.03 5.16
N ARG A 92 3.62 16.86 5.90
CA ARG A 92 3.19 17.31 7.22
C ARG A 92 1.93 18.17 7.13
N LEU A 93 1.93 19.05 6.14
CA LEU A 93 0.81 19.95 5.90
C LEU A 93 -0.42 19.14 5.53
N MET A 94 -0.20 18.13 4.69
CA MET A 94 -1.28 17.26 4.25
C MET A 94 -1.84 16.44 5.40
N ILE A 95 -1.01 16.19 6.41
CA ILE A 95 -1.42 15.43 7.57
C ILE A 95 -2.27 16.30 8.52
N GLY A 96 -1.83 17.54 8.77
CA GLY A 96 -2.56 18.43 9.66
C GLY A 96 -1.65 18.95 10.78
N VAL A 97 -2.11 18.84 12.02
CA VAL A 97 -1.32 19.23 13.19
C VAL A 97 -1.38 18.08 14.19
N THR A 98 -0.71 18.20 15.33
CA THR A 98 -0.74 17.12 16.32
C THR A 98 -2.18 16.81 16.76
N ASN A 99 -2.96 17.85 17.08
CA ASN A 99 -4.34 17.67 17.52
C ASN A 99 -5.28 17.53 16.32
N PRO A 100 -5.93 16.38 16.18
CA PRO A 100 -6.86 16.16 15.08
C PRO A 100 -8.00 17.19 15.03
N LEU A 101 -8.51 17.57 16.20
CA LEU A 101 -9.60 18.55 16.26
C LEU A 101 -9.14 19.93 15.81
N ALA A 102 -7.84 20.18 15.92
CA ALA A 102 -7.28 21.45 15.50
C ALA A 102 -6.93 21.41 14.03
N SER A 103 -6.73 20.20 13.50
CA SER A 103 -6.38 20.02 12.10
C SER A 103 -7.52 20.51 11.19
N ALA A 104 -7.15 21.26 10.15
CA ALA A 104 -8.12 21.82 9.23
C ALA A 104 -8.72 20.83 8.25
N PRO A 105 -9.96 21.10 7.83
CA PRO A 105 -10.65 20.22 6.88
C PRO A 105 -9.75 20.17 5.63
N GLY A 106 -9.73 19.03 4.95
CA GLY A 106 -8.86 18.90 3.78
C GLY A 106 -7.61 18.12 4.18
N SER A 107 -7.22 18.22 5.44
CA SER A 107 -6.06 17.52 5.94
C SER A 107 -6.52 16.16 6.48
N ILE A 108 -5.64 15.15 6.39
CA ILE A 108 -5.95 13.80 6.85
C ILE A 108 -6.57 13.71 8.26
N ARG A 109 -5.89 14.25 9.26
CA ARG A 109 -6.43 14.21 10.62
C ARG A 109 -7.64 15.12 10.75
N GLY A 110 -7.64 16.20 9.97
CA GLY A 110 -8.75 17.14 10.00
C GLY A 110 -10.04 16.48 9.55
N ASP A 111 -9.96 15.65 8.50
CA ASP A 111 -11.12 14.96 7.96
C ASP A 111 -11.47 13.64 8.66
N PHE A 112 -10.48 12.98 9.23
CA PHE A 112 -10.72 11.68 9.87
C PHE A 112 -10.51 11.50 11.37
N GLY A 113 -9.69 12.35 12.00
CA GLY A 113 -9.42 12.19 13.42
C GLY A 113 -10.03 13.13 14.44
N VAL A 114 -10.02 12.71 15.70
CA VAL A 114 -10.57 13.48 16.80
C VAL A 114 -9.74 13.35 18.10
N ASP A 115 -8.94 12.28 18.18
CA ASP A 115 -8.12 12.03 19.37
C ASP A 115 -6.64 11.96 19.03
N VAL A 116 -5.82 12.67 19.80
CA VAL A 116 -4.38 12.71 19.60
C VAL A 116 -3.78 11.31 19.65
N GLY A 117 -4.44 10.42 20.40
CA GLY A 117 -3.97 9.05 20.51
C GLY A 117 -4.33 8.21 19.30
N ARG A 118 -5.29 8.70 18.53
CA ARG A 118 -5.74 8.03 17.30
C ARG A 118 -5.54 9.04 16.18
N SER A 119 -4.27 9.36 15.95
CA SER A 119 -3.90 10.35 14.93
C SER A 119 -3.84 9.83 13.50
N ILE A 120 -4.28 8.59 13.29
CA ILE A 120 -4.34 8.00 11.95
C ILE A 120 -3.03 7.74 11.22
N ILE A 121 -2.22 8.78 11.10
CA ILE A 121 -0.97 8.69 10.36
C ILE A 121 0.17 9.43 11.04
N GLY A 122 1.38 8.91 10.87
CA GLY A 122 2.55 9.54 11.43
C GLY A 122 3.47 9.94 10.30
N GLY A 123 4.29 10.96 10.50
CA GLY A 123 5.19 11.40 9.45
C GLY A 123 6.38 12.20 9.95
N SER A 124 7.51 12.02 9.28
CA SER A 124 8.75 12.70 9.61
C SER A 124 8.50 14.19 9.72
N ASP A 125 9.19 14.86 10.64
CA ASP A 125 9.03 16.30 10.79
C ASP A 125 10.21 17.09 10.22
N SER A 126 11.20 16.37 9.68
CA SER A 126 12.37 17.02 9.09
C SER A 126 13.17 16.03 8.28
N VAL A 127 13.90 16.54 7.30
CA VAL A 127 14.72 15.72 6.42
C VAL A 127 15.65 14.84 7.26
N GLU A 128 16.19 15.42 8.33
CA GLU A 128 17.07 14.70 9.23
C GLU A 128 16.32 13.53 9.83
N SER A 129 15.13 13.79 10.37
CA SER A 129 14.32 12.73 10.97
C SER A 129 13.85 11.70 9.94
N ALA A 130 13.57 12.15 8.73
CA ALA A 130 13.11 11.26 7.65
C ALA A 130 14.19 10.25 7.25
N ASN A 131 15.41 10.73 7.05
CA ASN A 131 16.52 9.86 6.68
C ASN A 131 16.75 8.81 7.77
N ARG A 132 16.51 9.18 9.03
CA ARG A 132 16.69 8.25 10.13
C ARG A 132 15.54 7.27 10.20
N GLU A 133 14.32 7.76 10.07
CA GLU A 133 13.15 6.90 10.11
C GLU A 133 13.09 5.90 8.95
N ILE A 134 13.44 6.35 7.75
CA ILE A 134 13.43 5.48 6.59
C ILE A 134 14.43 4.34 6.78
N ALA A 135 15.65 4.70 7.18
CA ALA A 135 16.72 3.74 7.41
C ALA A 135 16.36 2.79 8.55
N LEU A 136 15.44 3.23 9.40
CA LEU A 136 15.00 2.43 10.53
C LEU A 136 13.98 1.41 10.07
N TRP A 137 12.97 1.87 9.33
CA TRP A 137 11.89 1.01 8.86
C TRP A 137 12.15 0.21 7.58
N PHE A 138 12.99 0.73 6.71
CA PHE A 138 13.26 0.05 5.44
C PHE A 138 14.72 -0.29 5.18
N LYS A 139 14.93 -1.43 4.55
CA LYS A 139 16.26 -1.87 4.18
C LYS A 139 16.49 -1.25 2.80
N PRO A 140 17.74 -0.94 2.45
CA PRO A 140 18.05 -0.36 1.15
C PRO A 140 17.41 -1.09 -0.03
N GLU A 141 17.33 -2.41 0.10
CA GLU A 141 16.78 -3.27 -0.95
C GLU A 141 15.27 -3.18 -1.13
N GLU A 142 14.58 -2.55 -0.20
CA GLU A 142 13.14 -2.39 -0.30
C GLU A 142 12.79 -1.02 -0.85
N LEU A 143 13.82 -0.23 -1.10
CA LEU A 143 13.64 1.13 -1.60
C LEU A 143 13.91 1.24 -3.10
N LEU A 144 13.01 1.93 -3.80
CA LEU A 144 13.16 2.12 -5.23
C LEU A 144 14.43 2.90 -5.52
N THR A 145 15.27 2.32 -6.38
CA THR A 145 16.53 2.94 -6.76
C THR A 145 16.32 4.00 -7.83
N GLU A 146 15.90 3.55 -9.02
CA GLU A 146 15.67 4.47 -10.13
C GLU A 146 14.65 5.56 -9.78
N VAL A 147 15.13 6.76 -9.49
CA VAL A 147 14.28 7.91 -9.15
C VAL A 147 13.96 8.71 -10.42
N LYS A 148 12.84 8.40 -11.07
CA LYS A 148 12.46 9.08 -12.31
C LYS A 148 11.50 10.26 -12.14
N PRO A 149 11.85 11.42 -12.71
CA PRO A 149 11.01 12.64 -12.63
C PRO A 149 9.92 12.68 -13.70
N ASN A 150 8.75 13.19 -13.31
CA ASN A 150 7.62 13.31 -14.23
C ASN A 150 7.56 14.73 -14.81
N PRO A 151 7.64 14.84 -16.15
CA PRO A 151 7.59 16.13 -16.86
C PRO A 151 6.34 16.97 -16.59
N ASN A 152 5.19 16.32 -16.43
CA ASN A 152 3.95 17.04 -16.15
C ASN A 152 4.00 17.60 -14.74
N LEU A 153 4.79 16.96 -13.87
CA LEU A 153 4.93 17.39 -12.48
C LEU A 153 6.15 18.30 -12.26
N TYR A 154 7.25 18.00 -12.95
CA TYR A 154 8.49 18.78 -12.81
C TYR A 154 9.00 19.38 -14.12
N GLU A 155 9.44 20.63 -14.06
CA GLU A 155 9.97 21.31 -15.24
C GLU A 155 11.46 21.04 -15.40
N VAL B 6 -13.06 -20.83 5.47
CA VAL B 6 -14.27 -20.22 4.87
C VAL B 6 -14.09 -18.70 4.76
N ASN B 7 -14.12 -18.03 5.91
CA ASN B 7 -13.96 -16.58 5.96
C ASN B 7 -12.49 -16.15 5.91
N LYS B 8 -11.58 -17.12 5.98
CA LYS B 8 -10.15 -16.82 5.97
C LYS B 8 -9.52 -16.97 4.58
N GLU B 9 -10.36 -17.14 3.56
CA GLU B 9 -9.89 -17.29 2.18
C GLU B 9 -9.07 -16.08 1.76
N ARG B 10 -7.97 -16.33 1.04
CA ARG B 10 -7.08 -15.26 0.62
C ARG B 10 -6.80 -15.21 -0.88
N THR B 11 -6.73 -14.00 -1.43
CA THR B 11 -6.43 -13.86 -2.84
C THR B 11 -5.23 -12.93 -2.97
N PHE B 12 -4.49 -13.09 -4.07
CA PHE B 12 -3.32 -12.25 -4.36
C PHE B 12 -3.65 -11.22 -5.44
N LEU B 13 -3.37 -9.96 -5.17
CA LEU B 13 -3.62 -8.91 -6.15
C LEU B 13 -2.27 -8.25 -6.43
N ALA B 14 -2.19 -7.58 -7.57
CA ALA B 14 -0.96 -6.92 -7.94
C ALA B 14 -1.27 -5.72 -8.80
N VAL B 15 -0.88 -4.53 -8.35
CA VAL B 15 -1.08 -3.33 -9.16
C VAL B 15 0.06 -3.36 -10.17
N LYS B 16 -0.29 -3.61 -11.42
CA LYS B 16 0.68 -3.71 -12.49
C LYS B 16 1.50 -2.44 -12.59
N PRO B 17 2.58 -2.45 -13.39
CA PRO B 17 3.42 -1.25 -13.53
C PRO B 17 2.62 -0.05 -14.07
N ASP B 18 1.70 -0.30 -15.00
CA ASP B 18 0.91 0.80 -15.56
C ASP B 18 0.00 1.38 -14.48
N GLY B 19 -0.42 0.52 -13.55
CA GLY B 19 -1.28 0.99 -12.48
C GLY B 19 -0.51 1.83 -11.49
N VAL B 20 0.73 1.45 -11.21
CA VAL B 20 1.55 2.22 -10.29
C VAL B 20 1.95 3.56 -10.90
N ALA B 21 2.37 3.55 -12.16
CA ALA B 21 2.79 4.78 -12.84
C ALA B 21 1.68 5.80 -12.97
N ARG B 22 0.43 5.35 -13.00
CA ARG B 22 -0.69 6.27 -13.13
C ARG B 22 -1.24 6.76 -11.79
N GLY B 23 -0.60 6.32 -10.70
CA GLY B 23 -1.03 6.75 -9.37
C GLY B 23 -2.38 6.20 -8.95
N LEU B 24 -2.63 4.93 -9.29
CA LEU B 24 -3.89 4.29 -8.96
C LEU B 24 -3.79 3.32 -7.76
N VAL B 25 -2.63 3.26 -7.13
CA VAL B 25 -2.43 2.34 -6.00
C VAL B 25 -3.44 2.50 -4.86
N GLY B 26 -3.60 3.74 -4.38
CA GLY B 26 -4.52 4.01 -3.29
C GLY B 26 -5.97 3.78 -3.63
N GLU B 27 -6.33 4.11 -4.88
CA GLU B 27 -7.70 3.95 -5.35
C GLU B 27 -8.10 2.48 -5.31
N ILE B 28 -7.22 1.63 -5.81
CA ILE B 28 -7.47 0.19 -5.84
C ILE B 28 -7.54 -0.40 -4.42
N ILE B 29 -6.59 -0.01 -3.58
CA ILE B 29 -6.55 -0.50 -2.21
C ILE B 29 -7.82 -0.13 -1.46
N ALA B 30 -8.21 1.13 -1.57
CA ALA B 30 -9.39 1.64 -0.90
C ALA B 30 -10.64 0.87 -1.29
N ARG B 31 -10.73 0.52 -2.57
CA ARG B 31 -11.90 -0.20 -3.04
C ARG B 31 -12.01 -1.55 -2.36
N TYR B 32 -10.87 -2.21 -2.14
CA TYR B 32 -10.91 -3.47 -1.45
C TYR B 32 -11.19 -3.24 0.03
N GLU B 33 -10.68 -2.16 0.60
CA GLU B 33 -10.93 -1.88 2.02
C GLU B 33 -12.41 -1.56 2.28
N LYS B 34 -13.03 -0.84 1.36
CA LYS B 34 -14.44 -0.47 1.51
C LYS B 34 -15.30 -1.73 1.45
N LYS B 35 -14.92 -2.65 0.58
CA LYS B 35 -15.63 -3.91 0.38
C LYS B 35 -15.66 -4.77 1.64
N GLY B 36 -14.69 -4.55 2.53
CA GLY B 36 -14.64 -5.32 3.75
C GLY B 36 -13.54 -6.37 3.78
N PHE B 37 -12.74 -6.48 2.72
CA PHE B 37 -11.64 -7.47 2.69
C PHE B 37 -10.41 -6.95 3.44
N VAL B 38 -9.84 -7.80 4.29
CA VAL B 38 -8.67 -7.42 5.08
C VAL B 38 -7.37 -7.61 4.32
N LEU B 39 -6.50 -6.60 4.41
CA LEU B 39 -5.19 -6.62 3.75
C LEU B 39 -4.22 -7.32 4.66
N VAL B 40 -3.80 -8.54 4.32
CA VAL B 40 -2.88 -9.27 5.19
C VAL B 40 -1.42 -9.30 4.71
N GLY B 41 -1.16 -8.77 3.52
CA GLY B 41 0.20 -8.73 2.99
C GLY B 41 0.33 -7.58 2.02
N LEU B 42 1.38 -6.77 2.15
CA LEU B 42 1.55 -5.63 1.25
C LEU B 42 2.99 -5.16 1.08
N LYS B 43 3.39 -4.94 -0.17
CA LYS B 43 4.72 -4.43 -0.47
C LYS B 43 4.83 -4.01 -1.92
N GLN B 44 5.78 -3.11 -2.19
CA GLN B 44 6.08 -2.63 -3.54
C GLN B 44 7.47 -3.14 -3.90
N LEU B 45 7.62 -3.67 -5.11
CA LEU B 45 8.91 -4.18 -5.55
C LEU B 45 8.96 -4.23 -7.07
N VAL B 46 10.15 -4.48 -7.61
CA VAL B 46 10.30 -4.59 -9.05
C VAL B 46 10.35 -6.08 -9.35
N PRO B 47 9.30 -6.61 -9.97
CA PRO B 47 9.26 -8.04 -10.30
C PRO B 47 10.52 -8.45 -11.06
N THR B 48 11.03 -9.63 -10.76
CA THR B 48 12.19 -10.17 -11.44
C THR B 48 11.62 -11.02 -12.57
N LYS B 49 12.39 -11.21 -13.64
CA LYS B 49 11.93 -12.01 -14.76
C LYS B 49 11.36 -13.34 -14.26
N ASP B 50 12.11 -14.02 -13.40
CA ASP B 50 11.66 -15.31 -12.85
C ASP B 50 10.31 -15.21 -12.13
N LEU B 51 10.09 -14.12 -11.41
CA LEU B 51 8.83 -13.98 -10.72
C LEU B 51 7.72 -13.80 -11.76
N ALA B 52 8.00 -13.00 -12.77
CA ALA B 52 7.03 -12.73 -13.83
C ALA B 52 6.61 -13.99 -14.57
N GLU B 53 7.57 -14.83 -14.92
CA GLU B 53 7.28 -16.05 -15.65
C GLU B 53 6.59 -17.10 -14.78
N SER B 54 6.93 -17.15 -13.49
CA SER B 54 6.28 -18.09 -12.57
C SER B 54 4.83 -17.69 -12.38
N HIS B 55 4.59 -16.42 -12.01
CA HIS B 55 3.23 -15.93 -11.82
C HIS B 55 2.35 -16.32 -13.02
N TYR B 56 2.84 -16.05 -14.22
CA TYR B 56 2.09 -16.34 -15.45
C TYR B 56 2.59 -17.55 -16.24
N ALA B 57 3.11 -18.55 -15.54
CA ALA B 57 3.65 -19.74 -16.20
C ALA B 57 2.64 -20.45 -17.10
N GLU B 58 1.38 -20.43 -16.69
CA GLU B 58 0.30 -21.06 -17.46
C GLU B 58 0.16 -20.44 -18.86
N HIS B 59 0.85 -19.33 -19.08
CA HIS B 59 0.78 -18.62 -20.37
C HIS B 59 2.10 -18.69 -21.14
N LYS B 60 3.07 -19.41 -20.59
CA LYS B 60 4.39 -19.51 -21.21
C LYS B 60 4.40 -19.72 -22.71
N GLU B 61 3.52 -20.58 -23.21
CA GLU B 61 3.44 -20.88 -24.64
C GLU B 61 2.72 -19.84 -25.50
N ARG B 62 2.04 -18.91 -24.86
CA ARG B 62 1.31 -17.87 -25.58
C ARG B 62 2.27 -16.91 -26.27
N PRO B 63 1.90 -16.39 -27.45
CA PRO B 63 2.71 -15.45 -28.23
C PRO B 63 2.99 -14.11 -27.58
N TRP B 64 2.11 -13.68 -26.66
CA TRP B 64 2.26 -12.42 -25.96
C TRP B 64 2.92 -12.59 -24.57
N PHE B 65 3.19 -13.82 -24.18
CA PHE B 65 3.83 -14.12 -22.89
C PHE B 65 5.08 -13.27 -22.70
N GLY B 66 5.95 -13.29 -23.69
CA GLY B 66 7.18 -12.52 -23.63
C GLY B 66 6.97 -11.03 -23.43
N GLY B 67 6.03 -10.45 -24.16
CA GLY B 67 5.78 -9.03 -24.01
C GLY B 67 5.31 -8.74 -22.58
N LEU B 68 4.49 -9.64 -22.05
CA LEU B 68 3.94 -9.50 -20.71
C LEU B 68 5.04 -9.49 -19.64
N VAL B 69 5.92 -10.49 -19.70
CA VAL B 69 7.01 -10.59 -18.72
C VAL B 69 7.83 -9.31 -18.69
N SER B 70 8.28 -8.86 -19.86
CA SER B 70 9.07 -7.64 -19.95
C SER B 70 8.34 -6.45 -19.36
N PHE B 71 7.03 -6.39 -19.57
CA PHE B 71 6.26 -5.27 -19.03
C PHE B 71 6.16 -5.36 -17.50
N ILE B 72 5.76 -6.51 -17.00
CA ILE B 72 5.61 -6.73 -15.57
C ILE B 72 6.89 -6.38 -14.81
N THR B 73 8.04 -6.66 -15.43
CA THR B 73 9.32 -6.37 -14.80
C THR B 73 9.88 -5.02 -15.22
N SER B 74 9.08 -4.21 -15.91
CA SER B 74 9.54 -2.90 -16.38
C SER B 74 9.56 -1.83 -15.29
N GLY B 75 8.68 -1.94 -14.31
CA GLY B 75 8.63 -0.95 -13.26
C GLY B 75 8.10 -1.51 -11.96
N PRO B 76 8.06 -0.69 -10.89
CA PRO B 76 7.55 -1.14 -9.59
C PRO B 76 6.13 -1.67 -9.65
N VAL B 77 5.84 -2.59 -8.72
CA VAL B 77 4.53 -3.21 -8.62
C VAL B 77 4.16 -3.30 -7.14
N VAL B 78 2.91 -3.05 -6.79
CA VAL B 78 2.50 -3.18 -5.41
C VAL B 78 1.69 -4.47 -5.28
N ALA B 79 2.25 -5.43 -4.54
CA ALA B 79 1.62 -6.73 -4.35
C ALA B 79 0.79 -6.75 -3.08
N MET B 80 -0.42 -7.27 -3.17
CA MET B 80 -1.32 -7.31 -2.04
C MET B 80 -1.99 -8.65 -1.82
N VAL B 81 -2.34 -8.92 -0.57
CA VAL B 81 -3.04 -10.14 -0.23
C VAL B 81 -4.23 -9.73 0.63
N PHE B 82 -5.41 -10.12 0.19
CA PHE B 82 -6.64 -9.80 0.88
C PHE B 82 -7.34 -11.07 1.32
N GLU B 83 -7.92 -11.02 2.50
CA GLU B 83 -8.62 -12.15 3.07
C GLU B 83 -10.08 -11.81 3.34
N GLY B 84 -10.95 -12.78 3.14
CA GLY B 84 -12.37 -12.58 3.38
C GLY B 84 -13.22 -13.62 2.68
N LYS B 85 -14.50 -13.68 3.02
CA LYS B 85 -15.42 -14.62 2.41
C LYS B 85 -15.39 -14.48 0.89
N GLY B 86 -15.15 -15.59 0.20
CA GLY B 86 -15.11 -15.62 -1.26
C GLY B 86 -14.38 -14.46 -1.91
N VAL B 87 -13.29 -14.02 -1.30
CA VAL B 87 -12.52 -12.91 -1.81
C VAL B 87 -11.93 -13.14 -3.19
N VAL B 88 -11.61 -14.39 -3.50
CA VAL B 88 -11.03 -14.70 -4.79
C VAL B 88 -11.92 -14.30 -5.97
N ALA B 89 -13.12 -14.85 -6.04
CA ALA B 89 -14.04 -14.55 -7.13
C ALA B 89 -14.59 -13.12 -7.03
N SER B 90 -14.76 -12.63 -5.81
CA SER B 90 -15.27 -11.28 -5.63
C SER B 90 -14.24 -10.27 -6.14
N ALA B 91 -12.97 -10.48 -5.80
CA ALA B 91 -11.90 -9.61 -6.23
C ALA B 91 -11.87 -9.56 -7.77
N ARG B 92 -12.17 -10.69 -8.40
CA ARG B 92 -12.19 -10.77 -9.87
C ARG B 92 -13.33 -9.94 -10.43
N LEU B 93 -14.48 -10.03 -9.78
CA LEU B 93 -15.66 -9.27 -10.20
C LEU B 93 -15.37 -7.77 -10.10
N MET B 94 -14.72 -7.40 -9.01
CA MET B 94 -14.38 -6.00 -8.77
C MET B 94 -13.34 -5.51 -9.77
N ILE B 95 -12.58 -6.42 -10.34
CA ILE B 95 -11.55 -6.09 -11.32
C ILE B 95 -12.19 -5.90 -12.69
N GLY B 96 -13.05 -6.84 -13.07
CA GLY B 96 -13.72 -6.77 -14.36
C GLY B 96 -13.48 -8.08 -15.10
N VAL B 97 -13.11 -7.97 -16.37
CA VAL B 97 -12.82 -9.15 -17.18
C VAL B 97 -11.49 -8.85 -17.88
N THR B 98 -11.00 -9.81 -18.65
CA THR B 98 -9.73 -9.65 -19.35
C THR B 98 -9.62 -8.35 -20.13
N ASN B 99 -10.60 -8.13 -21.01
CA ASN B 99 -10.61 -6.93 -21.85
C ASN B 99 -11.15 -5.74 -21.07
N PRO B 100 -10.32 -4.70 -20.90
CA PRO B 100 -10.76 -3.50 -20.17
C PRO B 100 -12.00 -2.84 -20.81
N LEU B 101 -12.05 -2.83 -22.13
CA LEU B 101 -13.18 -2.22 -22.84
C LEU B 101 -14.47 -3.00 -22.60
N ALA B 102 -14.32 -4.29 -22.33
CA ALA B 102 -15.47 -5.14 -22.06
C ALA B 102 -15.87 -5.05 -20.58
N SER B 103 -14.93 -4.64 -19.74
CA SER B 103 -15.19 -4.53 -18.30
C SER B 103 -16.23 -3.45 -18.03
N ALA B 104 -17.19 -3.79 -17.16
CA ALA B 104 -18.28 -2.89 -16.82
C ALA B 104 -17.90 -1.72 -15.93
N PRO B 105 -18.62 -0.59 -16.07
CA PRO B 105 -18.33 0.59 -15.25
C PRO B 105 -18.51 0.14 -13.80
N GLY B 106 -17.71 0.68 -12.89
CA GLY B 106 -17.81 0.28 -11.50
C GLY B 106 -16.65 -0.65 -11.19
N SER B 107 -16.19 -1.39 -12.20
CA SER B 107 -15.05 -2.31 -12.05
C SER B 107 -13.77 -1.55 -12.36
N ILE B 108 -12.67 -1.95 -11.70
CA ILE B 108 -11.37 -1.31 -11.88
C ILE B 108 -10.95 -1.10 -13.33
N ARG B 109 -10.90 -2.17 -14.12
CA ARG B 109 -10.50 -2.03 -15.52
C ARG B 109 -11.57 -1.31 -16.32
N GLY B 110 -12.83 -1.49 -15.91
CA GLY B 110 -13.93 -0.82 -16.58
C GLY B 110 -13.84 0.68 -16.46
N ASP B 111 -13.45 1.17 -15.30
CA ASP B 111 -13.33 2.62 -15.07
C ASP B 111 -11.99 3.22 -15.47
N PHE B 112 -10.93 2.41 -15.45
CA PHE B 112 -9.61 2.93 -15.77
C PHE B 112 -8.85 2.40 -16.99
N GLY B 113 -9.20 1.21 -17.47
CA GLY B 113 -8.47 0.65 -18.61
C GLY B 113 -9.09 0.60 -19.99
N VAL B 114 -8.24 0.40 -20.99
CA VAL B 114 -8.69 0.33 -22.39
C VAL B 114 -7.90 -0.71 -23.19
N ASP B 115 -6.70 -1.05 -22.73
CA ASP B 115 -5.85 -2.02 -23.42
C ASP B 115 -5.53 -3.24 -22.56
N VAL B 116 -5.69 -4.42 -23.14
CA VAL B 116 -5.41 -5.68 -22.44
C VAL B 116 -3.99 -5.71 -21.90
N GLY B 117 -3.09 -5.02 -22.58
CA GLY B 117 -1.69 -4.98 -22.16
C GLY B 117 -1.47 -4.02 -20.99
N ARG B 118 -2.43 -3.12 -20.77
CA ARG B 118 -2.35 -2.16 -19.67
C ARG B 118 -3.62 -2.41 -18.84
N SER B 119 -3.70 -3.60 -18.27
CA SER B 119 -4.86 -4.02 -17.48
C SER B 119 -4.90 -3.52 -16.03
N ILE B 120 -3.96 -2.63 -15.68
CA ILE B 120 -3.92 -2.01 -14.36
C ILE B 120 -3.64 -2.91 -13.17
N ILE B 121 -4.43 -3.97 -13.02
CA ILE B 121 -4.27 -4.86 -11.88
C ILE B 121 -4.43 -6.32 -12.24
N GLY B 122 -3.68 -7.19 -11.54
CA GLY B 122 -3.75 -8.61 -11.79
C GLY B 122 -4.27 -9.28 -10.53
N GLY B 123 -4.90 -10.44 -10.67
CA GLY B 123 -5.44 -11.14 -9.50
C GLY B 123 -5.74 -12.62 -9.73
N SER B 124 -5.62 -13.42 -8.67
CA SER B 124 -5.87 -14.87 -8.75
C SER B 124 -7.26 -15.21 -9.27
N ASP B 125 -7.34 -16.21 -10.15
CA ASP B 125 -8.62 -16.61 -10.71
C ASP B 125 -9.24 -17.81 -10.00
N SER B 126 -8.56 -18.32 -8.99
CA SER B 126 -9.06 -19.47 -8.24
C SER B 126 -8.25 -19.66 -6.96
N VAL B 127 -8.88 -20.26 -5.96
CA VAL B 127 -8.25 -20.52 -4.68
C VAL B 127 -6.93 -21.25 -4.88
N GLU B 128 -6.94 -22.19 -5.82
CA GLU B 128 -5.74 -22.96 -6.12
C GLU B 128 -4.65 -22.00 -6.61
N SER B 129 -4.99 -21.16 -7.57
CA SER B 129 -4.03 -20.20 -8.11
C SER B 129 -3.60 -19.18 -7.06
N ALA B 130 -4.52 -18.79 -6.19
CA ALA B 130 -4.22 -17.81 -5.14
C ALA B 130 -3.18 -18.33 -4.14
N ASN B 131 -3.39 -19.55 -3.66
CA ASN B 131 -2.46 -20.17 -2.72
C ASN B 131 -1.06 -20.27 -3.34
N ARG B 132 -1.00 -20.48 -4.65
CA ARG B 132 0.28 -20.58 -5.35
C ARG B 132 0.91 -19.20 -5.54
N GLU B 133 0.12 -18.24 -5.99
CA GLU B 133 0.61 -16.89 -6.19
C GLU B 133 1.08 -16.21 -4.89
N ILE B 134 0.31 -16.40 -3.81
CA ILE B 134 0.66 -15.81 -2.53
C ILE B 134 2.00 -16.36 -2.05
N ALA B 135 2.14 -17.68 -2.11
CA ALA B 135 3.35 -18.38 -1.68
C ALA B 135 4.52 -18.00 -2.58
N LEU B 136 4.20 -17.52 -3.77
CA LEU B 136 5.22 -17.11 -4.73
C LEU B 136 5.72 -15.72 -4.38
N TRP B 137 4.78 -14.79 -4.18
CA TRP B 137 5.11 -13.40 -3.88
C TRP B 137 5.43 -13.03 -2.43
N PHE B 138 4.86 -13.77 -1.48
CA PHE B 138 5.08 -13.48 -0.09
C PHE B 138 5.65 -14.62 0.73
N LYS B 139 6.51 -14.26 1.68
CA LYS B 139 7.10 -15.24 2.58
C LYS B 139 6.11 -15.32 3.74
N PRO B 140 6.03 -16.47 4.41
CA PRO B 140 5.11 -16.64 5.54
C PRO B 140 5.14 -15.53 6.60
N GLU B 141 6.32 -15.01 6.95
CA GLU B 141 6.41 -13.96 7.96
C GLU B 141 6.01 -12.57 7.48
N GLU B 142 5.54 -12.48 6.25
CA GLU B 142 5.12 -11.21 5.68
C GLU B 142 3.60 -11.08 5.72
N LEU B 143 2.94 -12.12 6.19
CA LEU B 143 1.49 -12.12 6.25
C LEU B 143 0.97 -12.18 7.68
N LEU B 144 -0.08 -11.41 7.95
CA LEU B 144 -0.70 -11.38 9.27
C LEU B 144 -1.17 -12.79 9.61
N THR B 145 -1.32 -13.07 10.90
CA THR B 145 -1.75 -14.40 11.33
C THR B 145 -3.14 -14.49 11.99
N GLU B 146 -3.25 -14.00 13.22
CA GLU B 146 -4.52 -14.03 13.94
C GLU B 146 -5.42 -12.88 13.49
N VAL B 147 -6.09 -13.05 12.37
CA VAL B 147 -6.97 -12.00 11.87
C VAL B 147 -8.37 -12.22 12.43
N LYS B 148 -8.82 -11.26 13.24
CA LYS B 148 -10.14 -11.34 13.85
C LYS B 148 -11.25 -10.74 13.00
N PRO B 149 -12.31 -11.52 12.75
CA PRO B 149 -13.45 -11.08 11.95
C PRO B 149 -14.13 -9.85 12.54
N ASN B 150 -14.40 -8.88 11.67
CA ASN B 150 -15.05 -7.65 12.05
C ASN B 150 -16.54 -7.94 12.25
N PRO B 151 -17.06 -7.74 13.47
CA PRO B 151 -18.48 -7.99 13.75
C PRO B 151 -19.44 -7.19 12.86
N ASN B 152 -18.94 -6.14 12.22
CA ASN B 152 -19.77 -5.31 11.35
C ASN B 152 -19.84 -5.93 9.96
N LEU B 153 -18.82 -6.73 9.62
CA LEU B 153 -18.71 -7.38 8.31
C LEU B 153 -19.13 -8.84 8.27
N TYR B 154 -18.89 -9.56 9.36
CA TYR B 154 -19.23 -10.97 9.40
C TYR B 154 -20.24 -11.31 10.47
N GLU B 155 -21.14 -12.22 10.12
CA GLU B 155 -22.19 -12.68 11.02
C GLU B 155 -21.63 -13.84 11.84
#